data_2VWN
#
_entry.id   2VWN
#
_cell.length_a   105.540
_cell.length_b   105.540
_cell.length_c   49.790
_cell.angle_alpha   90.00
_cell.angle_beta   90.00
_cell.angle_gamma   90.00
#
_symmetry.space_group_name_H-M   'P 43 21 2'
#
loop_
_entity.id
_entity.type
_entity.pdbx_description
1 polymer 'ACTIVATED FACTOR XA HEAVY CHAIN'
2 polymer 'FACTOR X LIGHT CHAIN'
3 non-polymer '5-Chloro-thiophene-2-carboxylic acid ((3S,4S)-1-{[2-fluoro-4-(2-oxo-2H-pyridin-1-yl)-phenylcarbamoyl]-methyl}-4-hydroxy-pyrrolidin-3-yl)-amide'
4 non-polymer 'CALCIUM ION'
5 non-polymer 'SODIUM ION'
6 non-polymer 'CHLORIDE ION'
7 water water
#
loop_
_entity_poly.entity_id
_entity_poly.type
_entity_poly.pdbx_seq_one_letter_code
_entity_poly.pdbx_strand_id
1 'polypeptide(L)'
;IVGGQECKDGECPWQALLINEENEGFCGGTILSEFYILTAAHCLYQAKRFKVRVGDRNTEQEEGGEAVHEVEVVIKHNRF
TKETYDFDIAVLRLKTPITFRMNVAPACLPERDWAESTLMTQKTGIVSGFGRTHEKGEQSTRLKMLEVPYVDRNSCKLSS
SFIITQNMFCAGYDTKQEDACQGDSGGPHVTRFKDTYFVTGIVSWGEGCARKGKYGIYTKVTAFLKWIDRSMKTRGLPKA
K
;
A
2 'polypeptide(L)' RKLCSLDNGDCDQFCHEEQNSVVCSCARGYTLADNGKACIPTGPYPCGKQTLERR L
#
loop_
_chem_comp.id
_chem_comp.type
_chem_comp.name
_chem_comp.formula
CA non-polymer 'CALCIUM ION' 'Ca 2'
CL non-polymer 'CHLORIDE ION' 'Cl -1'
H25 non-polymer '5-Chloro-thiophene-2-carboxylic acid ((3S,4S)-1-{[2-fluoro-4-(2-oxo-2H-pyridin-1-yl)-phenylcarbamoyl]-methyl}-4-hydroxy-pyrrolidin-3-yl)-amide' 'C22 H20 Cl F N4 O4 S'
NA non-polymer 'SODIUM ION' 'Na 1'
#
# COMPACT_ATOMS: atom_id res chain seq x y z
N ILE A 1 3.65 13.08 -1.74
CA ILE A 1 3.89 13.04 -0.26
C ILE A 1 4.35 14.42 0.18
N VAL A 2 3.59 15.02 1.08
CA VAL A 2 3.92 16.32 1.66
C VAL A 2 4.70 16.03 2.93
N GLY A 3 5.85 16.68 3.08
CA GLY A 3 6.75 16.31 4.16
C GLY A 3 7.36 14.93 3.97
N GLY A 4 7.68 14.24 5.05
CA GLY A 4 8.31 12.95 4.92
C GLY A 4 9.73 13.05 4.36
N GLN A 5 10.18 11.97 3.72
CA GLN A 5 11.58 11.89 3.24
C GLN A 5 11.65 11.09 1.96
N GLU A 6 12.76 11.23 1.25
CA GLU A 6 12.97 10.39 0.08
C GLU A 6 13.27 8.97 0.53
N CYS A 7 12.74 7.99 -0.20
CA CYS A 7 13.07 6.60 0.08
C CYS A 7 14.51 6.31 -0.34
N LYS A 8 15.32 5.77 0.56
CA LYS A 8 16.63 5.32 0.13
C LYS A 8 16.58 3.97 -0.62
N ASP A 9 17.68 3.60 -1.25
CA ASP A 9 17.75 2.36 -1.99
C ASP A 9 17.31 1.17 -1.15
N GLY A 10 16.35 0.41 -1.66
CA GLY A 10 15.88 -0.78 -1.00
C GLY A 10 14.86 -0.55 0.10
N GLU A 11 14.57 0.72 0.42
CA GLU A 11 13.68 1.04 1.55
C GLU A 11 12.17 0.88 1.28
N CYS A 12 11.77 1.07 0.04
CA CYS A 12 10.34 1.03 -0.32
C CYS A 12 10.17 0.13 -1.54
N PRO A 13 10.58 -1.15 -1.45
CA PRO A 13 10.73 -1.94 -2.68
C PRO A 13 9.43 -2.45 -3.27
N TRP A 14 8.34 -2.34 -2.51
CA TRP A 14 7.04 -2.81 -2.97
C TRP A 14 6.30 -1.69 -3.71
N GLN A 15 6.90 -0.52 -3.86
CA GLN A 15 6.24 0.58 -4.60
C GLN A 15 6.14 0.24 -6.08
N ALA A 16 4.97 0.44 -6.64
CA ALA A 16 4.80 0.41 -8.10
C ALA A 16 4.28 1.77 -8.56
N LEU A 17 4.51 2.11 -9.83
CA LEU A 17 4.00 3.37 -10.34
C LEU A 17 3.17 3.09 -11.60
N LEU A 18 1.94 3.58 -11.63
CA LEU A 18 1.13 3.45 -12.86
C LEU A 18 1.46 4.63 -13.75
N ILE A 19 1.79 4.34 -15.01
CA ILE A 19 2.17 5.40 -15.94
C ILE A 19 1.23 5.44 -17.12
N ASN A 20 0.91 6.65 -17.57
CA ASN A 20 -0.04 6.81 -18.67
C ASN A 20 0.67 6.85 -20.01
N GLU A 21 -0.11 7.10 -21.07
CA GLU A 21 0.40 7.09 -22.43
C GLU A 21 1.48 8.17 -22.66
N GLU A 22 1.52 9.17 -21.77
CA GLU A 22 2.57 10.22 -21.79
C GLU A 22 3.82 9.80 -21.02
N ASN A 23 3.80 8.57 -20.52
CA ASN A 23 4.90 8.03 -19.74
C ASN A 23 5.03 8.80 -18.42
N GLU A 24 3.92 9.36 -17.95
CA GLU A 24 3.95 10.06 -16.67
C GLU A 24 3.18 9.29 -15.61
N GLY A 25 3.70 9.31 -14.39
CA GLY A 25 3.04 8.63 -13.29
C GLY A 25 1.83 9.39 -12.83
N PHE A 26 0.75 8.66 -12.56
CA PHE A 26 -0.47 9.31 -12.08
C PHE A 26 -1.03 8.65 -10.83
N CYS A 27 -0.54 7.47 -10.50
CA CYS A 27 -1.03 6.73 -9.32
C CYS A 27 0.01 5.75 -8.88
N GLY A 28 -0.03 5.36 -7.62
CA GLY A 28 0.83 4.25 -7.19
C GLY A 28 0.17 2.89 -7.19
N GLY A 29 0.94 1.91 -6.77
CA GLY A 29 0.47 0.56 -6.47
C GLY A 29 1.43 -0.13 -5.52
N THR A 30 1.03 -1.33 -5.11
CA THR A 30 1.83 -2.19 -4.22
C THR A 30 2.08 -3.53 -4.87
N ILE A 31 3.34 -3.93 -4.91
CA ILE A 31 3.68 -5.23 -5.46
C ILE A 31 3.23 -6.31 -4.47
N LEU A 32 2.39 -7.24 -4.94
CA LEU A 32 1.90 -8.33 -4.09
C LEU A 32 2.61 -9.66 -4.38
N SER A 33 3.04 -9.85 -5.61
CA SER A 33 3.66 -11.11 -6.03
C SER A 33 4.29 -10.83 -7.40
N GLU A 34 4.89 -11.85 -8.01
CA GLU A 34 5.47 -11.67 -9.33
C GLU A 34 4.46 -11.15 -10.38
N PHE A 35 3.19 -11.49 -10.21
CA PHE A 35 2.20 -11.17 -11.23
C PHE A 35 1.16 -10.14 -10.80
N TYR A 36 1.14 -9.77 -9.52
CA TYR A 36 0.00 -8.94 -9.01
C TYR A 36 0.39 -7.65 -8.36
N ILE A 37 -0.35 -6.60 -8.75
CA ILE A 37 -0.19 -5.26 -8.18
C ILE A 37 -1.51 -4.86 -7.54
N LEU A 38 -1.47 -4.32 -6.34
CA LEU A 38 -2.66 -3.78 -5.66
C LEU A 38 -2.71 -2.28 -5.91
N THR A 39 -3.90 -1.77 -6.27
CA THR A 39 -4.04 -0.31 -6.45
C THR A 39 -5.47 0.12 -6.06
N ALA A 40 -5.79 1.39 -6.29
CA ALA A 40 -7.11 1.93 -5.95
C ALA A 40 -7.98 1.81 -7.18
N ALA A 41 -9.24 1.43 -7.01
CA ALA A 41 -10.18 1.39 -8.15
C ALA A 41 -10.29 2.75 -8.81
N HIS A 42 -10.24 3.83 -8.04
CA HIS A 42 -10.45 5.14 -8.67
C HIS A 42 -9.34 5.50 -9.67
N CYS A 43 -8.18 4.86 -9.53
CA CYS A 43 -7.03 5.11 -10.41
C CYS A 43 -7.31 4.65 -11.82
N LEU A 44 -8.20 3.68 -11.98
CA LEU A 44 -8.42 3.05 -13.28
C LEU A 44 -9.18 4.00 -14.21
N TYR A 45 -9.81 5.01 -13.62
CA TYR A 45 -10.62 5.96 -14.38
C TYR A 45 -9.78 7.08 -14.99
N GLN A 46 -8.53 7.20 -14.55
CA GLN A 46 -7.69 8.35 -14.87
C GLN A 46 -6.95 8.21 -16.19
N ALA A 47 -6.72 6.98 -16.63
CA ALA A 47 -6.07 6.72 -17.90
C ALA A 47 -6.67 5.46 -18.52
N LYS A 48 -7.18 5.57 -19.74
CA LYS A 48 -7.73 4.41 -20.44
C LYS A 48 -6.71 3.31 -20.58
N ARG A 49 -5.49 3.72 -20.91
CA ARG A 49 -4.40 2.78 -21.11
C ARG A 49 -3.28 3.22 -20.19
N PHE A 50 -2.75 2.26 -19.47
CA PHE A 50 -1.62 2.49 -18.59
C PHE A 50 -0.74 1.25 -18.46
N LYS A 51 0.47 1.46 -17.98
CA LYS A 51 1.43 0.39 -17.70
C LYS A 51 1.93 0.57 -16.28
N VAL A 52 2.74 -0.39 -15.83
CA VAL A 52 3.28 -0.37 -14.46
C VAL A 52 4.82 -0.30 -14.49
N ARG A 53 5.40 0.66 -13.79
CA ARG A 53 6.85 0.71 -13.66
C ARG A 53 7.21 0.26 -12.24
N VAL A 54 8.20 -0.63 -12.11
CA VAL A 54 8.72 -1.01 -10.80
C VAL A 54 10.20 -0.62 -10.73
N GLY A 55 10.73 -0.54 -9.52
CA GLY A 55 12.15 -0.25 -9.32
C GLY A 55 12.58 1.20 -9.49
N ASP A 56 11.66 2.11 -9.79
CA ASP A 56 12.01 3.52 -10.04
C ASP A 56 12.08 4.33 -8.74
N ARG A 57 13.13 5.11 -8.55
CA ARG A 57 13.17 6.02 -7.40
C ARG A 57 13.26 7.47 -7.84
N ASN A 58 13.54 7.70 -9.12
CA ASN A 58 13.72 9.05 -9.59
C ASN A 58 13.20 9.13 -11.01
N THR A 59 12.06 9.77 -11.24
CA THR A 59 11.47 9.69 -12.58
C THR A 59 12.22 10.51 -13.63
N GLU A 60 13.22 11.26 -13.21
CA GLU A 60 14.03 12.05 -14.14
C GLU A 60 15.33 11.36 -14.61
N GLN A 61 15.66 10.22 -14.03
CA GLN A 61 16.91 9.54 -14.41
C GLN A 61 16.58 8.09 -14.62
N GLU A 62 17.01 7.48 -15.69
CA GLU A 62 16.79 6.05 -15.84
C GLU A 62 17.87 5.32 -15.08
N GLU A 63 17.49 4.59 -14.03
CA GLU A 63 18.48 3.91 -13.21
C GLU A 63 18.34 2.39 -13.16
N GLY A 64 19.43 1.74 -12.80
CA GLY A 64 19.48 0.29 -12.76
C GLY A 64 18.33 -0.25 -11.95
N GLY A 65 17.65 -1.23 -12.52
CA GLY A 65 16.58 -1.92 -11.81
C GLY A 65 15.18 -1.52 -12.19
N GLU A 66 15.02 -0.40 -12.90
CA GLU A 66 13.68 -0.05 -13.41
C GLU A 66 13.25 -1.00 -14.49
N ALA A 67 11.95 -1.33 -14.49
CA ALA A 67 11.41 -2.21 -15.50
C ALA A 67 9.96 -1.85 -15.71
N VAL A 68 9.48 -2.02 -16.93
CA VAL A 68 8.09 -1.70 -17.27
C VAL A 68 7.28 -2.96 -17.60
N HIS A 69 6.05 -3.02 -17.09
CA HIS A 69 5.20 -4.18 -17.28
C HIS A 69 3.85 -3.77 -17.81
N GLU A 70 3.37 -4.50 -18.80
CA GLU A 70 2.01 -4.35 -19.28
C GLU A 70 1.02 -5.11 -18.38
N VAL A 71 -0.20 -4.60 -18.34
CA VAL A 71 -1.27 -5.17 -17.53
C VAL A 71 -2.11 -6.10 -18.41
N GLU A 72 -2.27 -7.35 -17.99
CA GLU A 72 -3.08 -8.31 -18.73
C GLU A 72 -4.56 -8.28 -18.33
N VAL A 73 -4.81 -8.19 -17.03
CA VAL A 73 -6.17 -8.23 -16.53
C VAL A 73 -6.33 -7.17 -15.45
N VAL A 74 -7.42 -6.41 -15.50
CA VAL A 74 -7.73 -5.46 -14.43
C VAL A 74 -8.92 -6.04 -13.65
N ILE A 75 -8.76 -6.16 -12.34
CA ILE A 75 -9.85 -6.65 -11.49
C ILE A 75 -10.24 -5.52 -10.55
N LYS A 76 -11.34 -4.84 -10.88
N LYS A 76 -11.34 -4.86 -10.90
CA LYS A 76 -11.83 -3.68 -10.12
CA LYS A 76 -11.86 -3.74 -10.12
C LYS A 76 -13.02 -4.08 -9.26
C LYS A 76 -12.95 -4.26 -9.19
N HIS A 77 -12.99 -3.76 -7.96
CA HIS A 77 -14.12 -4.10 -7.11
C HIS A 77 -15.44 -3.62 -7.72
N ASN A 78 -16.39 -4.56 -7.84
N ASN A 78 -16.40 -4.53 -7.87
CA ASN A 78 -17.70 -4.30 -8.44
CA ASN A 78 -17.66 -4.17 -8.51
C ASN A 78 -18.55 -3.28 -7.68
C ASN A 78 -18.48 -3.15 -7.71
N ARG A 79 -18.26 -3.07 -6.40
CA ARG A 79 -19.02 -2.07 -5.61
C ARG A 79 -18.39 -0.68 -5.54
N PHE A 80 -17.22 -0.50 -6.12
CA PHE A 80 -16.66 0.83 -6.14
C PHE A 80 -17.56 1.82 -6.88
N THR A 81 -17.73 2.99 -6.30
CA THR A 81 -18.34 4.12 -6.99
C THR A 81 -17.73 5.44 -6.53
N LYS A 82 -17.64 6.37 -7.48
N LYS A 82 -17.63 6.40 -7.44
CA LYS A 82 -17.16 7.71 -7.23
CA LYS A 82 -17.11 7.72 -7.07
C LYS A 82 -18.07 8.48 -6.28
C LYS A 82 -18.08 8.50 -6.21
N GLU A 83 -19.34 8.07 -6.17
CA GLU A 83 -20.28 8.73 -5.30
C GLU A 83 -19.78 8.68 -3.85
N THR A 84 -19.26 7.53 -3.45
CA THR A 84 -18.88 7.32 -2.06
C THR A 84 -17.39 7.09 -1.87
N TYR A 85 -16.68 6.79 -2.97
CA TYR A 85 -15.30 6.33 -2.85
C TYR A 85 -15.13 5.06 -2.01
N ASP A 86 -16.23 4.36 -1.74
CA ASP A 86 -16.15 3.13 -0.97
C ASP A 86 -15.67 1.97 -1.88
N PHE A 87 -15.12 0.95 -1.28
CA PHE A 87 -14.61 -0.23 -2.02
C PHE A 87 -13.53 0.20 -3.00
N ASP A 88 -12.65 1.09 -2.57
CA ASP A 88 -11.63 1.66 -3.49
C ASP A 88 -10.40 0.77 -3.63
N ILE A 89 -10.59 -0.30 -4.40
CA ILE A 89 -9.57 -1.34 -4.52
C ILE A 89 -9.65 -2.01 -5.88
N ALA A 90 -8.48 -2.29 -6.43
CA ALA A 90 -8.38 -3.07 -7.66
C ALA A 90 -7.09 -3.89 -7.61
N VAL A 91 -7.09 -5.01 -8.32
CA VAL A 91 -5.87 -5.80 -8.49
C VAL A 91 -5.55 -5.88 -9.97
N LEU A 92 -4.26 -5.76 -10.31
CA LEU A 92 -3.81 -5.86 -11.69
C LEU A 92 -3.00 -7.12 -11.84
N ARG A 93 -3.30 -7.94 -12.84
CA ARG A 93 -2.43 -9.06 -13.18
C ARG A 93 -1.55 -8.61 -14.34
N LEU A 94 -0.25 -8.77 -14.18
CA LEU A 94 0.69 -8.35 -15.23
C LEU A 94 0.81 -9.41 -16.31
N LYS A 95 1.19 -8.98 -17.51
CA LYS A 95 1.38 -9.90 -18.63
C LYS A 95 2.59 -10.83 -18.42
N THR A 96 3.63 -10.28 -17.78
CA THR A 96 4.84 -11.02 -17.51
C THR A 96 5.22 -10.82 -16.08
N PRO A 97 5.93 -11.79 -15.51
CA PRO A 97 6.29 -11.72 -14.09
C PRO A 97 7.44 -10.77 -13.76
N ILE A 98 7.31 -10.11 -12.61
CA ILE A 98 8.35 -9.28 -12.03
C ILE A 98 9.52 -10.13 -11.50
N THR A 99 10.74 -9.70 -11.81
CA THR A 99 11.96 -10.25 -11.23
C THR A 99 12.33 -9.46 -9.96
N PHE A 100 12.22 -10.10 -8.80
CA PHE A 100 12.55 -9.39 -7.56
C PHE A 100 14.05 -9.15 -7.48
N ARG A 101 14.40 -8.01 -6.90
CA ARG A 101 15.77 -7.56 -6.89
C ARG A 101 15.82 -6.34 -5.99
N MET A 102 16.99 -5.72 -5.94
CA MET A 102 17.14 -4.48 -5.18
C MET A 102 16.05 -3.49 -5.61
N ASN A 103 15.27 -3.03 -4.65
CA ASN A 103 14.23 -2.04 -4.90
C ASN A 103 12.98 -2.60 -5.53
N VAL A 104 12.91 -3.92 -5.68
CA VAL A 104 11.73 -4.56 -6.25
C VAL A 104 11.42 -5.86 -5.50
N ALA A 105 10.46 -5.81 -4.56
CA ALA A 105 10.07 -6.99 -3.77
C ALA A 105 8.66 -6.74 -3.22
N PRO A 106 7.93 -7.83 -2.97
CA PRO A 106 6.53 -7.70 -2.55
C PRO A 106 6.38 -7.35 -1.06
N ALA A 107 5.28 -6.66 -0.74
CA ALA A 107 4.88 -6.48 0.66
C ALA A 107 4.09 -7.75 1.05
N CYS A 108 4.09 -8.13 2.34
CA CYS A 108 3.35 -9.32 2.76
C CYS A 108 1.87 -9.05 2.94
N LEU A 109 1.03 -9.99 2.54
CA LEU A 109 -0.41 -9.92 2.84
C LEU A 109 -0.60 -10.61 4.20
N PRO A 110 -1.30 -9.94 5.12
CA PRO A 110 -1.52 -10.57 6.43
C PRO A 110 -2.77 -11.47 6.42
N GLU A 111 -2.90 -12.31 7.44
CA GLU A 111 -4.16 -13.01 7.67
C GLU A 111 -5.15 -12.04 8.34
N ARG A 112 -6.41 -12.11 7.94
CA ARG A 112 -7.41 -11.10 8.33
C ARG A 112 -7.57 -10.87 9.83
N ASP A 113 -7.99 -11.90 10.54
CA ASP A 113 -8.29 -11.73 11.96
C ASP A 113 -7.05 -11.25 12.71
N TRP A 114 -5.91 -11.85 12.44
CA TRP A 114 -4.67 -11.38 13.03
C TRP A 114 -4.33 -9.93 12.70
N ALA A 115 -4.59 -9.52 11.47
CA ALA A 115 -4.25 -8.17 11.05
C ALA A 115 -5.12 -7.18 11.80
N GLU A 116 -6.40 -7.52 11.95
CA GLU A 116 -7.30 -6.62 12.70
C GLU A 116 -6.88 -6.42 14.16
N SER A 117 -6.42 -7.47 14.82
CA SER A 117 -6.06 -7.35 16.23
C SER A 117 -4.63 -6.89 16.45
N THR A 118 -3.75 -7.13 15.48
CA THR A 118 -2.32 -6.98 15.69
C THR A 118 -1.65 -5.89 14.85
N LEU A 119 -2.10 -5.70 13.60
CA LEU A 119 -1.53 -4.64 12.77
C LEU A 119 -2.30 -3.31 12.89
N MET A 120 -3.62 -3.38 12.77
CA MET A 120 -4.45 -2.16 12.78
C MET A 120 -4.36 -1.46 14.15
N THR A 121 -3.80 -2.17 15.13
CA THR A 121 -3.68 -1.64 16.48
C THR A 121 -2.28 -1.10 16.76
N GLN A 122 -1.39 -1.17 15.77
CA GLN A 122 -0.05 -0.56 15.93
C GLN A 122 -0.20 0.96 15.88
N LYS A 123 0.83 1.67 16.29
CA LYS A 123 0.72 3.11 16.33
C LYS A 123 0.77 3.76 14.95
N THR A 124 1.62 3.24 14.08
CA THR A 124 1.79 3.91 12.80
C THR A 124 1.96 2.92 11.69
N GLY A 125 1.79 3.43 10.47
CA GLY A 125 2.22 2.74 9.25
C GLY A 125 3.05 3.69 8.38
N ILE A 126 3.44 3.19 7.21
CA ILE A 126 4.27 3.94 6.28
C ILE A 126 3.56 4.07 4.93
N VAL A 127 3.40 5.28 4.42
CA VAL A 127 2.81 5.53 3.10
C VAL A 127 3.91 6.03 2.15
N SER A 128 3.86 5.67 0.87
CA SER A 128 4.91 6.14 -0.01
C SER A 128 4.33 6.50 -1.37
N GLY A 129 5.06 7.28 -2.16
CA GLY A 129 4.63 7.58 -3.52
C GLY A 129 5.33 8.75 -4.17
N PHE A 130 5.00 9.00 -5.43
CA PHE A 130 5.57 10.10 -6.18
C PHE A 130 4.61 11.30 -6.30
N GLY A 131 3.67 11.43 -5.37
CA GLY A 131 2.67 12.48 -5.47
C GLY A 131 3.18 13.88 -5.18
N ARG A 132 2.29 14.86 -5.27
CA ARG A 132 2.64 16.25 -4.99
C ARG A 132 3.31 16.39 -3.64
N THR A 133 4.24 17.35 -3.55
CA THR A 133 4.93 17.61 -2.29
C THR A 133 4.31 18.79 -1.57
N HIS A 134 3.34 19.44 -2.21
CA HIS A 134 2.50 20.46 -1.57
C HIS A 134 1.15 20.44 -2.29
N GLU A 135 0.08 20.77 -1.59
CA GLU A 135 -1.25 20.64 -2.18
C GLU A 135 -1.35 21.29 -3.56
N LYS A 136 -0.68 22.43 -3.75
CA LYS A 136 -0.86 23.15 -5.01
C LYS A 136 0.30 22.91 -6.00
N GLY A 137 1.29 22.18 -5.52
CA GLY A 137 2.55 22.01 -6.26
C GLY A 137 2.62 20.89 -7.27
N GLU A 138 3.83 20.52 -7.63
CA GLU A 138 4.03 19.54 -8.67
C GLU A 138 4.33 18.19 -8.04
N GLN A 139 4.17 17.13 -8.83
CA GLN A 139 4.46 15.80 -8.30
C GLN A 139 5.96 15.68 -8.11
N SER A 140 6.33 14.88 -7.13
CA SER A 140 7.73 14.63 -6.82
C SER A 140 8.40 13.82 -7.94
N THR A 141 9.63 14.16 -8.28
CA THR A 141 10.31 13.30 -9.22
C THR A 141 11.09 12.23 -8.46
N ARG A 142 11.10 12.32 -7.13
CA ARG A 142 11.73 11.31 -6.27
C ARG A 142 10.68 10.54 -5.44
N LEU A 143 10.91 9.24 -5.26
CA LEU A 143 10.02 8.44 -4.42
C LEU A 143 10.15 8.87 -2.96
N LYS A 144 9.03 9.18 -2.32
CA LYS A 144 9.04 9.66 -0.94
C LYS A 144 8.28 8.70 -0.05
N MET A 145 8.60 8.70 1.24
CA MET A 145 7.85 7.92 2.25
C MET A 145 7.52 8.80 3.42
N LEU A 146 6.53 8.37 4.21
CA LEU A 146 6.07 9.16 5.34
C LEU A 146 5.47 8.20 6.38
N GLU A 147 5.89 8.33 7.64
CA GLU A 147 5.25 7.58 8.71
C GLU A 147 3.99 8.32 9.12
N VAL A 148 2.86 7.64 9.10
CA VAL A 148 1.59 8.23 9.52
C VAL A 148 0.95 7.45 10.68
N PRO A 149 0.60 8.17 11.74
CA PRO A 149 -0.11 7.49 12.84
C PRO A 149 -1.52 7.07 12.42
N TYR A 150 -1.97 5.90 12.87
CA TYR A 150 -3.38 5.55 12.76
C TYR A 150 -4.18 6.58 13.55
N VAL A 151 -5.33 6.96 13.00
CA VAL A 151 -6.17 7.99 13.62
C VAL A 151 -7.48 7.35 14.03
N ASP A 152 -7.97 7.71 15.22
CA ASP A 152 -9.21 7.20 15.75
C ASP A 152 -10.34 7.42 14.75
N ARG A 153 -11.14 6.39 14.51
CA ARG A 153 -12.21 6.44 13.51
C ARG A 153 -13.23 7.51 13.85
N ASN A 154 -13.50 7.71 15.13
CA ASN A 154 -14.50 8.74 15.44
C ASN A 154 -13.98 10.18 15.29
N SER A 155 -12.73 10.43 15.68
CA SER A 155 -12.12 11.72 15.38
C SER A 155 -12.15 11.95 13.88
N CYS A 156 -11.84 10.92 13.13
CA CYS A 156 -11.80 11.08 11.67
C CYS A 156 -13.17 11.41 11.11
N LYS A 157 -14.19 10.70 11.58
CA LYS A 157 -15.56 11.00 11.15
C LYS A 157 -15.97 12.45 11.43
N LEU A 158 -15.69 12.92 12.64
CA LEU A 158 -15.94 14.30 13.01
C LEU A 158 -15.23 15.28 12.09
N SER A 159 -14.03 14.92 11.63
CA SER A 159 -13.23 15.85 10.84
C SER A 159 -13.66 15.87 9.39
N SER A 160 -14.35 14.81 8.99
CA SER A 160 -14.60 14.59 7.56
C SER A 160 -15.90 15.19 7.01
N SER A 161 -15.81 15.78 5.82
CA SER A 161 -17.01 16.24 5.12
C SER A 161 -17.81 15.07 4.54
N PHE A 162 -17.17 13.92 4.38
CA PHE A 162 -17.74 12.79 3.68
C PHE A 162 -17.80 11.56 4.59
N ILE A 163 -18.68 10.63 4.26
CA ILE A 163 -18.86 9.43 5.05
C ILE A 163 -17.60 8.57 5.02
N ILE A 164 -17.15 8.18 6.21
CA ILE A 164 -16.07 7.22 6.38
C ILE A 164 -16.70 5.85 6.62
N THR A 165 -16.42 4.90 5.72
CA THR A 165 -17.03 3.58 5.81
C THR A 165 -16.14 2.58 6.49
N GLN A 166 -16.69 1.41 6.81
CA GLN A 166 -15.90 0.34 7.41
C GLN A 166 -14.81 -0.19 6.48
N ASN A 167 -14.88 0.19 5.20
CA ASN A 167 -13.86 -0.22 4.23
C ASN A 167 -12.74 0.81 4.10
N MET A 168 -12.75 1.80 5.00
CA MET A 168 -11.73 2.84 5.03
C MET A 168 -11.14 2.91 6.41
N PHE A 169 -9.95 3.51 6.49
CA PHE A 169 -9.44 3.97 7.78
C PHE A 169 -8.68 5.27 7.59
N CYS A 170 -8.39 5.97 8.70
CA CYS A 170 -7.80 7.27 8.62
C CYS A 170 -6.41 7.22 9.24
N ALA A 171 -5.52 8.01 8.67
CA ALA A 171 -4.16 8.10 9.21
C ALA A 171 -3.55 9.44 8.85
N GLY A 172 -2.57 9.85 9.64
CA GLY A 172 -1.91 11.12 9.43
C GLY A 172 -1.99 12.03 10.64
N TYR A 173 -2.04 13.33 10.38
CA TYR A 173 -1.90 14.36 11.43
C TYR A 173 -2.99 15.40 11.32
N ASP A 174 -3.47 15.82 12.49
CA ASP A 174 -4.43 16.91 12.58
C ASP A 174 -3.86 18.14 11.88
N THR A 175 -2.77 18.71 12.43
CA THR A 175 -2.25 19.99 11.97
C THR A 175 -0.81 19.95 11.37
N LYS A 176 -0.03 18.94 11.73
CA LYS A 176 1.33 18.82 11.21
C LYS A 176 1.24 18.68 9.71
N GLN A 177 2.12 19.38 8.99
CA GLN A 177 2.09 19.45 7.52
C GLN A 177 2.75 18.26 6.85
N GLU A 178 2.16 17.08 7.03
CA GLU A 178 2.67 15.85 6.45
C GLU A 178 1.45 15.00 6.08
N ASP A 179 1.44 14.49 4.85
CA ASP A 179 0.26 13.75 4.35
C ASP A 179 0.59 13.19 2.97
N ALA A 180 -0.22 12.25 2.49
CA ALA A 180 -0.14 11.87 1.08
C ALA A 180 -0.82 12.98 0.26
N CYS A 181 -0.68 12.96 -1.07
CA CYS A 181 -1.26 14.05 -1.88
C CYS A 181 -1.51 13.53 -3.29
N GLN A 182 -2.05 14.38 -4.16
CA GLN A 182 -2.36 13.99 -5.54
C GLN A 182 -1.19 13.25 -6.19
N GLY A 183 -1.47 12.07 -6.74
CA GLY A 183 -0.42 11.28 -7.38
C GLY A 183 -0.01 10.08 -6.51
N ASP A 184 -0.28 10.16 -5.21
CA ASP A 184 0.06 9.07 -4.29
C ASP A 184 -1.02 8.00 -4.23
N SER A 185 -2.22 8.37 -4.69
N SER A 185 -2.25 8.37 -4.59
CA SER A 185 -3.34 7.42 -4.72
CA SER A 185 -3.34 7.42 -4.40
C SER A 185 -2.98 6.05 -5.27
C SER A 185 -3.10 6.14 -5.22
N GLY A 186 -3.55 5.02 -4.67
CA GLY A 186 -3.31 3.68 -5.20
C GLY A 186 -2.08 3.00 -4.57
N GLY A 187 -1.20 3.82 -3.98
CA GLY A 187 0.08 3.33 -3.44
C GLY A 187 -0.05 2.64 -2.07
N PRO A 188 1.08 2.20 -1.55
CA PRO A 188 1.11 1.37 -0.35
C PRO A 188 0.97 2.15 0.94
N HIS A 189 0.23 1.55 1.87
CA HIS A 189 0.30 1.89 3.27
C HIS A 189 0.66 0.53 3.89
N VAL A 190 1.84 0.46 4.50
CA VAL A 190 2.28 -0.80 5.12
C VAL A 190 2.53 -0.61 6.60
N THR A 191 2.40 -1.70 7.34
CA THR A 191 2.61 -1.66 8.78
C THR A 191 3.64 -2.70 9.15
N ARG A 192 4.61 -2.28 9.96
N ARG A 192 4.61 -2.29 9.96
CA ARG A 192 5.66 -3.20 10.38
CA ARG A 192 5.68 -3.20 10.37
C ARG A 192 5.22 -4.01 11.59
C ARG A 192 5.27 -3.99 11.60
N PHE A 193 5.59 -5.29 11.60
CA PHE A 193 5.44 -6.12 12.78
C PHE A 193 6.69 -6.99 12.86
N LYS A 194 7.48 -6.81 13.92
CA LYS A 194 8.71 -7.61 14.08
C LYS A 194 9.55 -7.70 12.80
N ASP A 195 10.04 -6.57 12.32
CA ASP A 195 10.96 -6.60 11.16
C ASP A 195 10.33 -7.03 9.83
N THR A 196 9.01 -7.23 9.78
CA THR A 196 8.35 -7.56 8.51
C THR A 196 7.24 -6.54 8.20
N TYR A 197 7.15 -6.13 6.93
CA TYR A 197 6.13 -5.14 6.52
C TYR A 197 4.96 -5.81 5.84
N PHE A 198 3.75 -5.45 6.31
CA PHE A 198 2.52 -6.04 5.80
C PHE A 198 1.66 -4.95 5.18
N VAL A 199 1.08 -5.21 4.02
N VAL A 199 1.04 -5.27 4.04
CA VAL A 199 0.23 -4.17 3.44
CA VAL A 199 0.04 -4.39 3.44
C VAL A 199 -1.12 -4.12 4.18
C VAL A 199 -1.10 -4.18 4.41
N THR A 200 -1.42 -2.91 4.66
CA THR A 200 -2.57 -2.62 5.51
C THR A 200 -3.54 -1.64 4.86
N GLY A 201 -3.06 -0.88 3.89
CA GLY A 201 -3.91 0.16 3.30
C GLY A 201 -3.53 0.49 1.87
N ILE A 202 -4.46 1.12 1.16
CA ILE A 202 -4.20 1.67 -0.17
C ILE A 202 -4.52 3.15 -0.05
N VAL A 203 -3.59 4.02 -0.47
CA VAL A 203 -3.86 5.45 -0.46
C VAL A 203 -5.12 5.74 -1.26
N SER A 204 -6.13 6.37 -0.64
CA SER A 204 -7.42 6.49 -1.31
C SER A 204 -7.80 7.94 -1.59
N TRP A 205 -8.02 8.73 -0.55
CA TRP A 205 -8.45 10.11 -0.77
C TRP A 205 -8.19 11.02 0.42
N GLY A 206 -8.24 12.31 0.15
CA GLY A 206 -8.15 13.31 1.23
C GLY A 206 -8.78 14.60 0.75
N GLU A 207 -9.23 15.42 1.68
CA GLU A 207 -9.74 16.76 1.35
C GLU A 207 -8.56 17.71 1.26
N GLY A 208 -8.05 17.88 0.05
CA GLY A 208 -6.73 18.50 -0.14
C GLY A 208 -5.61 17.58 0.34
N CYS A 209 -4.51 18.19 0.80
CA CYS A 209 -3.38 17.45 1.35
C CYS A 209 -2.87 18.22 2.56
N ALA A 210 -2.70 17.52 3.68
CA ALA A 210 -2.11 18.07 4.91
C ALA A 210 -2.89 19.25 5.46
N ARG A 211 -4.21 19.29 5.22
CA ARG A 211 -5.02 20.40 5.72
C ARG A 211 -5.22 20.25 7.23
N LYS A 212 -5.17 21.40 7.90
CA LYS A 212 -5.47 21.41 9.33
C LYS A 212 -6.89 20.89 9.56
N GLY A 213 -7.02 19.98 10.50
CA GLY A 213 -8.30 19.37 10.83
C GLY A 213 -8.79 18.32 9.84
N LYS A 214 -7.90 17.87 8.96
N LYS A 214 -7.90 17.87 8.96
CA LYS A 214 -8.24 16.79 8.02
CA LYS A 214 -8.22 16.78 8.04
C LYS A 214 -7.16 15.72 8.08
C LYS A 214 -7.15 15.71 8.11
N TYR A 215 -7.55 14.48 7.78
CA TYR A 215 -6.65 13.36 7.74
C TYR A 215 -6.59 12.72 6.37
N GLY A 216 -5.68 11.77 6.20
CA GLY A 216 -5.69 10.92 4.99
C GLY A 216 -6.60 9.70 5.12
N ILE A 217 -7.26 9.33 4.03
CA ILE A 217 -8.18 8.23 4.06
C ILE A 217 -7.65 7.10 3.17
N TYR A 218 -7.65 5.89 3.72
CA TYR A 218 -7.02 4.71 3.11
C TYR A 218 -8.06 3.61 2.97
N THR A 219 -7.94 2.78 1.92
CA THR A 219 -8.78 1.61 1.81
C THR A 219 -8.25 0.63 2.84
N LYS A 220 -9.17 0.07 3.63
CA LYS A 220 -8.80 -0.88 4.69
C LYS A 220 -8.60 -2.26 4.10
N VAL A 221 -7.36 -2.65 3.89
CA VAL A 221 -7.07 -3.89 3.17
C VAL A 221 -7.60 -5.14 3.91
N THR A 222 -7.67 -5.10 5.23
CA THR A 222 -8.22 -6.25 5.97
C THR A 222 -9.62 -6.60 5.54
N ALA A 223 -10.40 -5.59 5.14
CA ALA A 223 -11.76 -5.82 4.68
C ALA A 223 -11.80 -6.61 3.38
N PHE A 224 -10.67 -6.66 2.69
CA PHE A 224 -10.65 -7.24 1.37
C PHE A 224 -9.67 -8.38 1.22
N LEU A 225 -9.19 -8.93 2.32
CA LEU A 225 -8.16 -9.96 2.17
C LEU A 225 -8.69 -11.17 1.37
N LYS A 226 -9.93 -11.56 1.62
CA LYS A 226 -10.53 -12.68 0.88
C LYS A 226 -10.80 -12.33 -0.57
N TRP A 227 -11.22 -11.09 -0.81
CA TRP A 227 -11.44 -10.61 -2.17
C TRP A 227 -10.11 -10.59 -2.96
N ILE A 228 -9.03 -10.17 -2.30
CA ILE A 228 -7.72 -10.14 -2.93
C ILE A 228 -7.28 -11.57 -3.27
N ASP A 229 -7.45 -12.46 -2.31
CA ASP A 229 -7.02 -13.85 -2.51
C ASP A 229 -7.75 -14.49 -3.68
N ARG A 230 -9.06 -14.25 -3.77
N ARG A 230 -9.06 -14.27 -3.77
CA ARG A 230 -9.89 -14.77 -4.86
CA ARG A 230 -9.83 -14.79 -4.89
C ARG A 230 -9.49 -14.16 -6.20
C ARG A 230 -9.36 -14.19 -6.20
N SER A 231 -9.20 -12.86 -6.19
CA SER A 231 -8.74 -12.16 -7.40
C SER A 231 -7.40 -12.69 -7.92
N MET A 232 -6.48 -13.02 -7.00
CA MET A 232 -5.16 -13.52 -7.39
C MET A 232 -5.17 -14.98 -7.81
N LYS A 233 -6.33 -15.62 -7.72
CA LYS A 233 -6.46 -17.00 -8.18
C LYS A 233 -7.34 -17.07 -9.43
N THR A 234 -7.92 -15.93 -9.79
CA THR A 234 -8.82 -15.85 -10.93
C THR A 234 -8.11 -15.94 -12.28
N ARG A 235 -8.76 -16.15 -13.30
N LEU B 3 -2.29 -17.55 24.88
CA LEU B 3 -3.14 -16.66 24.03
C LEU B 3 -2.28 -15.82 23.09
N CYS B 4 -2.77 -15.66 21.86
CA CYS B 4 -2.11 -14.81 20.89
C CYS B 4 -2.11 -13.36 21.37
N SER B 5 -2.87 -13.09 22.44
CA SER B 5 -2.98 -11.75 22.99
C SER B 5 -1.79 -11.37 23.87
N LEU B 6 -0.91 -12.33 24.12
CA LEU B 6 0.28 -12.06 24.90
C LEU B 6 1.55 -12.36 24.12
N ASP B 7 2.23 -11.30 23.66
CA ASP B 7 3.43 -11.46 22.87
C ASP B 7 3.14 -12.23 21.58
N ASN B 8 1.96 -12.00 21.02
CA ASN B 8 1.61 -12.65 19.76
C ASN B 8 1.82 -14.17 19.82
N GLY B 9 1.68 -14.73 21.02
CA GLY B 9 1.84 -16.18 21.20
C GLY B 9 3.27 -16.59 20.97
N ASP B 10 4.18 -15.62 21.00
CA ASP B 10 5.57 -15.85 20.66
C ASP B 10 5.81 -16.05 19.17
N CYS B 11 4.76 -16.02 18.36
CA CYS B 11 4.94 -16.20 16.93
C CYS B 11 5.70 -15.03 16.30
N ASP B 12 6.48 -15.29 15.24
CA ASP B 12 7.21 -14.21 14.57
C ASP B 12 6.27 -13.43 13.66
N GLN B 13 5.30 -14.13 13.10
CA GLN B 13 4.30 -13.47 12.27
C GLN B 13 2.90 -13.78 12.77
N PHE B 14 2.16 -14.63 12.07
CA PHE B 14 0.78 -14.92 12.41
C PHE B 14 0.62 -15.81 13.62
N CYS B 15 -0.52 -15.63 14.30
CA CYS B 15 -0.86 -16.42 15.49
C CYS B 15 -2.36 -16.67 15.47
N HIS B 16 -2.74 -17.91 15.75
CA HIS B 16 -4.15 -18.29 15.85
C HIS B 16 -4.26 -19.29 17.00
N GLU B 17 -5.48 -19.72 17.32
CA GLU B 17 -5.70 -20.68 18.41
C GLU B 17 -6.51 -21.90 17.96
N VAL B 22 -1.68 -22.36 20.98
CA VAL B 22 -1.14 -21.45 19.95
C VAL B 22 -0.70 -22.21 18.70
N VAL B 23 -0.96 -21.61 17.55
CA VAL B 23 -0.46 -22.16 16.31
C VAL B 23 0.03 -21.01 15.45
N CYS B 24 1.33 -21.03 15.15
CA CYS B 24 1.92 -19.95 14.39
C CYS B 24 1.86 -20.23 12.90
N SER B 25 1.95 -19.16 12.13
CA SER B 25 1.91 -19.20 10.69
C SER B 25 2.91 -18.16 10.18
N CYS B 26 3.25 -18.27 8.91
CA CYS B 26 4.12 -17.30 8.26
C CYS B 26 3.51 -16.94 6.92
N ALA B 27 3.84 -15.76 6.41
CA ALA B 27 3.43 -15.37 5.08
C ALA B 27 4.03 -16.34 4.07
N ARG B 28 3.38 -16.48 2.92
CA ARG B 28 3.96 -17.24 1.81
C ARG B 28 5.41 -16.79 1.61
N GLY B 29 6.32 -17.74 1.38
CA GLY B 29 7.72 -17.40 1.18
C GLY B 29 8.57 -17.60 2.41
N TYR B 30 7.90 -17.85 3.54
CA TYR B 30 8.59 -18.13 4.80
C TYR B 30 8.20 -19.51 5.28
N THR B 31 9.08 -20.14 6.05
CA THR B 31 8.72 -21.36 6.75
C THR B 31 8.89 -21.18 8.25
N LEU B 32 8.03 -21.85 9.00
CA LEU B 32 8.05 -21.81 10.45
C LEU B 32 9.32 -22.53 10.91
N ALA B 33 10.18 -21.83 11.64
CA ALA B 33 11.41 -22.40 12.16
C ALA B 33 11.10 -23.62 13.04
N LYS B 37 7.73 -20.92 16.27
CA LYS B 37 7.89 -19.51 16.62
C LYS B 37 8.35 -18.66 15.42
N ALA B 38 9.66 -18.54 15.24
CA ALA B 38 10.24 -17.71 14.18
C ALA B 38 9.87 -18.12 12.75
N CYS B 39 9.97 -17.17 11.83
CA CYS B 39 9.71 -17.46 10.42
C CYS B 39 10.98 -17.27 9.60
N ILE B 40 11.32 -18.26 8.79
CA ILE B 40 12.56 -18.23 8.02
C ILE B 40 12.36 -17.97 6.52
N PRO B 41 13.00 -16.92 6.00
CA PRO B 41 12.91 -16.59 4.56
C PRO B 41 13.42 -17.74 3.69
N THR B 42 12.77 -18.00 2.57
CA THR B 42 13.20 -19.09 1.68
C THR B 42 13.92 -18.61 0.43
N GLY B 43 14.17 -17.31 0.34
CA GLY B 43 14.77 -16.77 -0.86
C GLY B 43 15.39 -15.45 -0.54
N PRO B 44 16.04 -14.84 -1.53
CA PRO B 44 16.74 -13.60 -1.26
C PRO B 44 15.79 -12.41 -1.18
N TYR B 45 14.56 -12.58 -1.64
CA TYR B 45 13.58 -11.47 -1.66
C TYR B 45 12.23 -11.88 -1.07
N PRO B 46 12.23 -12.22 0.22
CA PRO B 46 10.98 -12.61 0.87
C PRO B 46 10.08 -11.38 1.00
N CYS B 47 8.77 -11.59 1.11
CA CYS B 47 7.88 -10.44 1.20
C CYS B 47 8.16 -9.61 2.47
N GLY B 48 7.97 -8.31 2.36
CA GLY B 48 7.93 -7.45 3.54
C GLY B 48 9.28 -7.13 4.12
N LYS B 49 10.33 -7.48 3.37
CA LYS B 49 11.67 -7.16 3.79
C LYS B 49 12.30 -6.09 2.92
N GLN B 50 12.87 -5.08 3.55
CA GLN B 50 13.63 -4.12 2.79
C GLN B 50 14.86 -4.81 2.16
N THR B 51 15.27 -4.34 0.99
CA THR B 51 16.34 -5.02 0.23
C THR B 51 17.72 -4.39 0.44
N LEU B 52 18.73 -5.23 0.52
CA LEU B 52 20.12 -4.78 0.62
C LEU B 52 20.92 -5.16 -0.62
N GLU B 53 21.89 -4.32 -0.97
CA GLU B 53 22.70 -4.56 -2.16
C GLU B 53 23.37 -5.93 -2.06
N ARG B 54 23.92 -6.28 -1.02
F3 H25 C . -10.58 12.30 -4.20
C17 H25 C . -11.43 12.76 -3.28
C11 H25 C . -12.58 12.06 -2.96
C9 H25 C . -13.46 12.51 -1.97
N1 H25 C . -14.64 11.84 -1.66
C21 H25 C . -14.80 11.10 -0.54
C29 H25 C . -15.97 10.46 -0.25
C30 H25 C . -17.05 10.56 -1.12
C23 H25 C . -16.89 11.30 -2.28
C8 H25 C . -15.67 11.93 -2.54
O25 H25 C . -15.51 12.62 -3.60
C26 H25 C . -13.15 13.72 -1.33
C28 H25 C . -11.98 14.42 -1.67
C16 H25 C . -11.12 13.95 -2.67
N15 H25 C . -9.98 14.65 -3.07
C14 H25 C . -9.95 15.11 -4.36
O27 H25 C . -10.88 14.91 -5.15
C22 H25 C . -8.77 15.91 -4.86
N4 H25 C . -7.71 15.89 -3.85
C31 H25 C . -6.70 16.96 -4.03
C34 H25 C . -5.51 16.40 -3.26
O33 H25 C . -4.26 16.79 -3.86
C20 H25 C . -7.01 14.61 -3.92
C6 H25 C . -5.62 14.89 -3.39
N7 H25 C . -5.39 14.28 -2.07
C5 H25 C . -5.20 12.97 -1.96
O24 H25 C . -5.24 12.21 -2.93
C2 H25 C . -4.89 12.41 -0.61
C12 H25 C . -4.61 13.06 0.61
C19 H25 C . -4.39 12.13 1.63
S3 H25 C . -4.88 10.67 -0.53
C10 H25 C . -4.49 10.86 1.13
CL1 H25 C . -4.29 9.34 2.09
CA CA D . 14.35 6.47 -12.58
NA NA E . -4.27 17.41 8.83
CL CL F . -9.86 18.38 -2.55
CL CL G . -19.71 1.34 6.75
NA NA H . -4.80 2.55 17.70
#